data_6EGW
#
_entry.id   6EGW
#
_cell.length_a   68.539
_cell.length_b   72.134
_cell.length_c   76.180
_cell.angle_alpha   90.00
_cell.angle_beta   90.00
_cell.angle_gamma   90.00
#
_symmetry.space_group_name_H-M   'P 21 21 21'
#
loop_
_entity.id
_entity.type
_entity.pdbx_description
1 polymer 'cAMP-dependent protein kinase catalytic subunit alpha'
2 polymer 'cAMP-dependent protein kinase inhibitor'
3 non-polymer '[2-[(4-isoquinolin-5-ylsulfonyl-1,4-diazepan-1-yl)methyl]phenyl]boronic acid'
4 non-polymer alpha-D-ribofuranose
5 water water
#
loop_
_entity_poly.entity_id
_entity_poly.type
_entity_poly.pdbx_seq_one_letter_code
_entity_poly.pdbx_strand_id
1 'polypeptide(L)'
;GHMGNAAAAKKG(SEP)EQESVKEFLAKAKEEFLKKWESPSQNTAQLDHFDRIKTLGTGSFGRVMLVKHKETGNHYAMKI
LDKQKVVKLKQIEHTLNEKRILQAVNFPFLVKLEFSFKDNSNLYMVMEYVPGGEMFSHLRRIGRF(SEP)EPHARFYAAQ
IVLTFEYLHSLDLIYRDLKPENLLIDQQGYIQVTDFGFAKRVKGRTW(TPO)LCGTPEYLAPEIILSKGYNKAVDWWALG
VLIYEMAAGYPPFFADQPIQIYEKIVSGKVRFPSHFSSDLKDLLRNLLQVDLTKRFGNLKNGVNDIKNHKWFATTDWIAI
YQRKVEAPFIPKFKGPGDTSNFDDYEEEEIRV(SEP)INEKCGKEFTEF
;
A
2 'polypeptide(L)' TTYADFIASGRTGRRNAI B
#
loop_
_chem_comp.id
_chem_comp.type
_chem_comp.name
_chem_comp.formula
9LQ non-polymer '[2-[(4-isoquinolin-5-ylsulfonyl-1,4-diazepan-1-yl)methyl]phenyl]boronic acid' 'C21 H24 B N3 O4 S'
RIB D-saccharide, alpha linking alpha-D-ribofuranose 'C5 H10 O5'
#
# COMPACT_ATOMS: atom_id res chain seq x y z
N GLU A 16 -15.64 -17.35 -15.78
CA GLU A 16 -15.84 -16.78 -17.10
C GLU A 16 -16.53 -15.42 -17.00
N SER A 17 -17.42 -15.28 -16.02
CA SER A 17 -17.99 -13.96 -15.77
C SER A 17 -16.96 -13.03 -15.15
N VAL A 18 -15.93 -13.59 -14.52
CA VAL A 18 -14.82 -12.78 -14.02
C VAL A 18 -14.08 -12.12 -15.18
N LYS A 19 -13.89 -12.83 -16.29
CA LYS A 19 -13.22 -12.24 -17.45
C LYS A 19 -13.95 -10.98 -17.91
N GLU A 20 -15.28 -11.03 -17.93
CA GLU A 20 -16.07 -9.88 -18.39
C GLU A 20 -15.94 -8.70 -17.43
N PHE A 21 -16.11 -8.95 -16.12
CA PHE A 21 -15.93 -7.89 -15.13
C PHE A 21 -14.59 -7.18 -15.31
N LEU A 22 -13.51 -7.94 -15.41
CA LEU A 22 -12.19 -7.34 -15.50
C LEU A 22 -11.97 -6.67 -16.85
N ALA A 23 -12.60 -7.18 -17.93
CA ALA A 23 -12.48 -6.50 -19.21
C ALA A 23 -13.10 -5.11 -19.14
N LYS A 24 -14.29 -4.99 -18.54
CA LYS A 24 -14.91 -3.69 -18.35
C LYS A 24 -14.05 -2.83 -17.44
N ALA A 25 -13.53 -3.41 -16.34
CA ALA A 25 -12.66 -2.63 -15.46
C ALA A 25 -11.44 -2.08 -16.20
N LYS A 26 -10.85 -2.85 -17.12
CA LYS A 26 -9.68 -2.36 -17.86
C LYS A 26 -10.08 -1.22 -18.79
N GLU A 27 -11.23 -1.35 -19.45
CA GLU A 27 -11.70 -0.29 -20.35
C GLU A 27 -11.90 1.00 -19.57
N GLU A 28 -12.54 0.91 -18.40
CA GLU A 28 -12.77 2.09 -17.58
C GLU A 28 -11.47 2.68 -17.08
N PHE A 29 -10.54 1.83 -16.62
CA PHE A 29 -9.23 2.31 -16.17
C PHE A 29 -8.54 3.07 -17.29
N LEU A 30 -8.54 2.51 -18.50
CA LEU A 30 -7.76 3.14 -19.55
C LEU A 30 -8.37 4.45 -19.99
N LYS A 31 -9.70 4.56 -19.96
CA LYS A 31 -10.36 5.82 -20.30
C LYS A 31 -9.99 6.92 -19.32
N LYS A 32 -10.05 6.59 -18.04
CA LYS A 32 -9.66 7.56 -17.00
C LYS A 32 -8.17 7.89 -17.06
N TRP A 33 -7.32 6.90 -17.31
CA TRP A 33 -5.89 7.17 -17.42
C TRP A 33 -5.62 8.15 -18.56
N GLU A 34 -6.36 8.01 -19.65
CA GLU A 34 -6.11 8.80 -20.84
C GLU A 34 -6.60 10.24 -20.70
N SER A 35 -7.61 10.47 -19.87
CA SER A 35 -8.19 11.81 -19.67
C SER A 35 -8.40 12.04 -18.19
N PRO A 36 -7.32 12.28 -17.44
CA PRO A 36 -7.46 12.38 -15.98
C PRO A 36 -8.25 13.61 -15.52
N SER A 37 -8.90 13.45 -14.38
CA SER A 37 -9.53 14.59 -13.73
C SER A 37 -8.45 15.54 -13.21
N GLN A 38 -8.78 16.82 -13.15
CA GLN A 38 -7.87 17.86 -12.70
C GLN A 38 -8.67 18.93 -12.00
N ASN A 39 -8.06 19.53 -10.99
CA ASN A 39 -8.48 20.80 -10.45
C ASN A 39 -9.93 20.77 -9.96
N THR A 40 -10.21 19.86 -9.02
CA THR A 40 -11.59 19.63 -8.59
C THR A 40 -11.89 20.22 -7.22
N ALA A 41 -10.97 20.98 -6.64
CA ALA A 41 -11.26 21.76 -5.44
C ALA A 41 -10.19 22.84 -5.31
N GLN A 42 -10.18 23.52 -4.17
CA GLN A 42 -9.14 24.49 -3.86
C GLN A 42 -8.95 24.56 -2.36
N LEU A 43 -7.84 25.18 -1.97
CA LEU A 43 -7.38 25.02 -0.60
C LEU A 43 -8.34 25.67 0.38
N ASP A 44 -8.89 26.84 0.03
CA ASP A 44 -9.76 27.53 0.98
C ASP A 44 -11.15 26.91 1.04
N HIS A 45 -11.37 25.77 0.38
CA HIS A 45 -12.55 24.96 0.64
C HIS A 45 -12.42 24.13 1.91
N PHE A 46 -11.26 24.15 2.57
CA PHE A 46 -10.94 23.24 3.67
C PHE A 46 -10.39 23.98 4.88
N ASP A 47 -10.74 23.47 6.07
CA ASP A 47 -10.14 23.92 7.33
C ASP A 47 -9.12 22.87 7.76
N ARG A 48 -7.97 23.32 8.24
CA ARG A 48 -6.97 22.37 8.74
C ARG A 48 -7.27 22.04 10.19
N ILE A 49 -7.15 20.77 10.53
CA ILE A 49 -7.40 20.30 11.89
C ILE A 49 -6.13 19.81 12.57
N LYS A 50 -5.39 18.93 11.90
CA LYS A 50 -4.25 18.34 12.57
C LYS A 50 -3.32 17.74 11.53
N THR A 51 -2.03 17.75 11.85
CA THR A 51 -1.08 17.04 11.00
C THR A 51 -1.08 15.55 11.34
N LEU A 52 -1.29 14.70 10.33
CA LEU A 52 -1.32 13.25 10.52
C LEU A 52 -0.02 12.55 10.16
N GLY A 53 0.86 13.20 9.42
CA GLY A 53 2.08 12.55 8.97
C GLY A 53 2.93 13.55 8.23
N THR A 54 4.24 13.27 8.22
CA THR A 54 5.22 14.08 7.52
C THR A 54 6.15 13.17 6.74
N GLY A 55 6.69 13.72 5.66
CA GLY A 55 7.66 13.01 4.86
C GLY A 55 8.67 13.98 4.29
N SER A 56 9.62 13.46 3.51
CA SER A 56 10.69 14.35 3.08
C SER A 56 10.25 15.37 2.04
N PHE A 57 9.08 15.19 1.42
CA PHE A 57 8.62 16.21 0.48
C PHE A 57 7.15 16.55 0.66
N GLY A 58 6.50 16.13 1.74
CA GLY A 58 5.13 16.53 1.94
C GLY A 58 4.64 16.20 3.34
N ARG A 59 3.33 16.38 3.49
CA ARG A 59 2.63 16.16 4.74
C ARG A 59 1.25 15.59 4.45
N VAL A 60 0.65 14.98 5.47
CA VAL A 60 -0.74 14.58 5.39
C VAL A 60 -1.47 15.27 6.53
N MET A 61 -2.57 15.93 6.19
CA MET A 61 -3.32 16.71 7.15
C MET A 61 -4.73 16.15 7.26
N LEU A 62 -5.25 16.10 8.48
CA LEU A 62 -6.67 15.97 8.66
C LEU A 62 -7.29 17.33 8.39
N VAL A 63 -8.25 17.38 7.46
CA VAL A 63 -8.93 18.62 7.11
C VAL A 63 -10.43 18.36 7.13
N LYS A 64 -11.18 19.45 7.25
CA LYS A 64 -12.63 19.43 7.22
C LYS A 64 -13.08 20.29 6.05
N HIS A 65 -13.93 19.71 5.20
CA HIS A 65 -14.50 20.46 4.09
C HIS A 65 -15.50 21.47 4.65
N LYS A 66 -15.32 22.75 4.33
CA LYS A 66 -16.09 23.80 4.99
C LYS A 66 -17.59 23.69 4.67
N GLU A 67 -17.94 23.38 3.42
CA GLU A 67 -19.35 23.35 3.05
C GLU A 67 -20.07 22.15 3.65
N THR A 68 -19.44 20.98 3.63
CA THR A 68 -20.11 19.74 4.01
C THR A 68 -19.77 19.27 5.42
N GLY A 69 -18.66 19.72 6.00
CA GLY A 69 -18.19 19.20 7.26
C GLY A 69 -17.53 17.84 7.21
N ASN A 70 -17.38 17.25 6.02
CA ASN A 70 -16.72 15.96 5.89
C ASN A 70 -15.23 16.05 6.19
N HIS A 71 -14.69 14.99 6.80
CA HIS A 71 -13.28 14.92 7.13
C HIS A 71 -12.51 14.19 6.04
N TYR A 72 -11.32 14.70 5.73
CA TYR A 72 -10.48 14.14 4.67
C TYR A 72 -9.03 14.11 5.15
N ALA A 73 -8.27 13.17 4.58
CA ALA A 73 -6.82 13.24 4.63
C ALA A 73 -6.34 13.99 3.40
N MET A 74 -5.67 15.10 3.61
CA MET A 74 -5.12 15.91 2.52
C MET A 74 -3.63 15.68 2.48
N LYS A 75 -3.15 15.08 1.38
CA LYS A 75 -1.74 14.87 1.16
C LYS A 75 -1.23 16.09 0.41
N ILE A 76 -0.30 16.82 1.03
CA ILE A 76 0.26 18.06 0.49
C ILE A 76 1.70 17.80 0.11
N LEU A 77 2.01 17.94 -1.19
CA LEU A 77 3.37 17.73 -1.67
C LEU A 77 3.99 19.05 -2.08
N ASP A 78 5.16 19.36 -1.55
CA ASP A 78 5.86 20.59 -1.86
C ASP A 78 6.54 20.41 -3.22
N LYS A 79 6.11 21.18 -4.23
CA LYS A 79 6.58 20.97 -5.59
C LYS A 79 8.11 21.09 -5.70
N GLN A 80 8.69 22.08 -5.03
CA GLN A 80 10.14 22.24 -5.04
C GLN A 80 10.85 21.03 -4.44
N LYS A 81 10.30 20.47 -3.35
CA LYS A 81 10.97 19.33 -2.73
C LYS A 81 10.81 18.08 -3.59
N VAL A 82 9.65 17.92 -4.23
CA VAL A 82 9.44 16.81 -5.17
C VAL A 82 10.49 16.85 -6.26
N VAL A 83 10.71 18.03 -6.85
CA VAL A 83 11.71 18.19 -7.90
C VAL A 83 13.11 17.91 -7.35
N LYS A 84 13.43 18.45 -6.17
CA LYS A 84 14.73 18.22 -5.53
C LYS A 84 15.01 16.73 -5.38
N LEU A 85 14.02 15.97 -4.92
CA LEU A 85 14.18 14.58 -4.58
C LEU A 85 13.88 13.64 -5.76
N LYS A 86 13.71 14.20 -6.96
CA LYS A 86 13.57 13.43 -8.19
C LYS A 86 12.30 12.57 -8.19
N GLN A 87 11.22 13.11 -7.64
CA GLN A 87 9.96 12.36 -7.49
C GLN A 87 8.84 12.89 -8.37
N ILE A 88 9.19 13.60 -9.46
CA ILE A 88 8.17 14.17 -10.32
C ILE A 88 7.32 13.06 -10.93
N GLU A 89 7.96 12.09 -11.57
CA GLU A 89 7.21 11.06 -12.26
C GLU A 89 6.37 10.23 -11.29
N HIS A 90 6.93 9.91 -10.12
CA HIS A 90 6.19 9.13 -9.13
C HIS A 90 4.97 9.89 -8.62
N THR A 91 5.13 11.18 -8.36
N THR A 91 5.12 11.18 -8.37
CA THR A 91 4.02 11.95 -7.82
CA THR A 91 3.99 11.93 -7.79
C THR A 91 2.93 12.13 -8.87
C THR A 91 2.92 12.19 -8.85
N LEU A 92 3.32 12.49 -10.09
CA LEU A 92 2.32 12.58 -11.13
C LEU A 92 1.65 11.23 -11.36
N ASN A 93 2.42 10.15 -11.23
CA ASN A 93 1.85 8.84 -11.47
C ASN A 93 0.86 8.46 -10.38
N GLU A 94 1.17 8.77 -9.13
N GLU A 94 1.20 8.76 -9.13
CA GLU A 94 0.26 8.40 -8.05
CA GLU A 94 0.32 8.47 -8.01
C GLU A 94 -1.11 9.04 -8.27
C GLU A 94 -1.07 9.05 -8.24
N LYS A 95 -1.13 10.32 -8.61
CA LYS A 95 -2.40 11.00 -8.79
C LYS A 95 -3.12 10.44 -10.00
N ARG A 96 -2.38 10.14 -11.07
CA ARG A 96 -3.03 9.69 -12.28
C ARG A 96 -3.61 8.29 -12.09
N ILE A 97 -2.88 7.43 -11.38
CA ILE A 97 -3.36 6.10 -11.06
C ILE A 97 -4.58 6.18 -10.14
N LEU A 98 -4.48 6.95 -9.07
CA LEU A 98 -5.55 6.99 -8.09
C LEU A 98 -6.87 7.41 -8.71
N GLN A 99 -6.86 8.40 -9.58
CA GLN A 99 -8.12 8.82 -10.15
C GLN A 99 -8.62 7.86 -11.23
N ALA A 100 -7.82 6.87 -11.64
CA ALA A 100 -8.21 5.97 -12.70
C ALA A 100 -8.66 4.59 -12.22
N VAL A 101 -8.19 4.14 -11.05
CA VAL A 101 -8.53 2.81 -10.54
C VAL A 101 -9.83 2.90 -9.74
N ASN A 102 -10.48 1.74 -9.59
CA ASN A 102 -11.76 1.62 -8.92
C ASN A 102 -11.87 0.18 -8.39
N PHE A 103 -11.67 0.01 -7.08
CA PHE A 103 -11.74 -1.31 -6.47
C PHE A 103 -12.01 -1.13 -4.99
N PRO A 104 -12.74 -2.06 -4.35
CA PRO A 104 -13.18 -1.81 -2.95
C PRO A 104 -12.07 -1.56 -1.95
N PHE A 105 -10.87 -2.12 -2.16
CA PHE A 105 -9.81 -2.04 -1.16
C PHE A 105 -8.74 -1.03 -1.54
N LEU A 106 -9.04 -0.11 -2.46
CA LEU A 106 -8.13 0.97 -2.83
C LEU A 106 -8.71 2.29 -2.36
N VAL A 107 -7.89 3.14 -1.71
CA VAL A 107 -8.35 4.47 -1.32
C VAL A 107 -8.89 5.16 -2.56
N LYS A 108 -9.86 6.04 -2.38
CA LYS A 108 -10.39 6.81 -3.50
C LYS A 108 -9.97 8.28 -3.38
N LEU A 109 -9.64 8.87 -4.51
CA LEU A 109 -9.26 10.25 -4.58
C LEU A 109 -10.52 11.07 -4.73
N GLU A 110 -10.84 11.88 -3.73
CA GLU A 110 -12.03 12.70 -3.80
C GLU A 110 -11.79 14.02 -4.54
N PHE A 111 -10.69 14.70 -4.24
CA PHE A 111 -10.32 15.92 -4.97
C PHE A 111 -8.82 15.96 -5.20
N SER A 112 -8.42 16.74 -6.20
CA SER A 112 -7.02 17.11 -6.33
C SER A 112 -6.94 18.48 -6.97
N PHE A 113 -5.85 19.20 -6.67
CA PHE A 113 -5.62 20.53 -7.22
C PHE A 113 -4.18 20.90 -6.87
N LYS A 114 -3.74 22.04 -7.39
CA LYS A 114 -2.40 22.54 -7.13
C LYS A 114 -2.48 24.06 -7.02
N ASP A 115 -1.49 24.64 -6.36
CA ASP A 115 -1.34 26.09 -6.28
C ASP A 115 0.11 26.45 -6.55
N ASN A 116 0.53 27.68 -6.22
CA ASN A 116 1.88 28.08 -6.60
C ASN A 116 2.93 27.16 -6.00
N SER A 117 2.69 26.62 -4.79
CA SER A 117 3.71 25.89 -4.05
C SER A 117 3.54 24.37 -4.01
N ASN A 118 2.29 23.88 -3.97
CA ASN A 118 2.02 22.52 -3.56
C ASN A 118 1.08 21.82 -4.53
N LEU A 119 1.14 20.49 -4.46
CA LEU A 119 0.18 19.57 -5.04
C LEU A 119 -0.66 19.03 -3.89
N TYR A 120 -1.96 18.83 -4.16
CA TYR A 120 -2.90 18.37 -3.14
C TYR A 120 -3.71 17.17 -3.68
N MET A 121 -3.75 16.11 -2.89
CA MET A 121 -4.65 14.98 -3.09
C MET A 121 -5.44 14.80 -1.82
N VAL A 122 -6.77 14.73 -1.96
CA VAL A 122 -7.69 14.71 -0.82
C VAL A 122 -8.46 13.39 -0.87
N MET A 123 -8.33 12.59 0.20
N MET A 123 -8.27 12.56 0.15
CA MET A 123 -8.93 11.26 0.28
CA MET A 123 -8.92 11.26 0.30
C MET A 123 -9.76 11.12 1.55
C MET A 123 -9.91 11.29 1.48
N GLU A 124 -10.84 10.32 1.49
CA GLU A 124 -11.70 10.17 2.64
C GLU A 124 -10.87 9.81 3.87
N TYR A 125 -11.16 10.45 4.99
CA TYR A 125 -10.40 10.16 6.20
C TYR A 125 -10.77 8.78 6.73
N VAL A 126 -9.75 8.02 7.10
CA VAL A 126 -9.90 6.69 7.68
C VAL A 126 -9.29 6.71 9.09
N PRO A 127 -10.11 6.88 10.13
CA PRO A 127 -9.53 7.14 11.45
C PRO A 127 -8.88 5.94 12.05
N GLY A 128 -9.16 4.73 11.54
CA GLY A 128 -8.52 3.54 12.06
C GLY A 128 -7.01 3.54 11.88
N GLY A 129 -6.50 4.36 10.97
CA GLY A 129 -5.07 4.41 10.74
C GLY A 129 -4.52 3.18 10.05
N GLU A 130 -3.19 3.08 10.14
CA GLU A 130 -2.40 2.08 9.42
C GLU A 130 -2.46 0.71 10.08
N MET A 131 -2.44 -0.33 9.24
CA MET A 131 -2.19 -1.66 9.77
C MET A 131 -0.92 -1.71 10.62
N PHE A 132 0.11 -0.97 10.22
CA PHE A 132 1.41 -1.01 10.91
C PHE A 132 1.24 -0.78 12.40
N SER A 133 0.52 0.30 12.75
N SER A 133 0.48 0.26 12.77
CA SER A 133 0.31 0.63 14.16
CA SER A 133 0.36 0.62 14.19
C SER A 133 -0.39 -0.50 14.89
C SER A 133 -0.48 -0.38 14.97
N HIS A 134 -1.51 -0.97 14.34
CA HIS A 134 -2.28 -2.01 15.00
C HIS A 134 -1.46 -3.27 15.19
N LEU A 135 -0.67 -3.62 14.17
CA LEU A 135 0.16 -4.82 14.25
C LEU A 135 1.23 -4.67 15.32
N ARG A 136 1.90 -3.52 15.37
CA ARG A 136 2.93 -3.35 16.38
C ARG A 136 2.33 -3.28 17.79
N ARG A 137 1.10 -2.77 17.92
N ARG A 137 1.10 -2.77 17.92
CA ARG A 137 0.48 -2.72 19.24
CA ARG A 137 0.46 -2.71 19.24
C ARG A 137 0.12 -4.11 19.74
C ARG A 137 0.10 -4.10 19.74
N ILE A 138 -0.55 -4.89 18.89
CA ILE A 138 -1.04 -6.21 19.28
C ILE A 138 0.12 -7.22 19.29
N GLY A 139 1.15 -7.00 18.48
CA GLY A 139 2.28 -7.90 18.36
C GLY A 139 2.20 -8.73 17.10
N ARG A 140 1.23 -9.62 17.03
CA ARG A 140 0.98 -10.40 15.81
C ARG A 140 -0.51 -10.68 15.74
N PHE A 141 -0.96 -11.00 14.53
CA PHE A 141 -2.34 -11.36 14.24
C PHE A 141 -2.45 -12.87 14.21
N SEP A 142 -3.57 -13.39 14.71
CA SEP A 142 -3.86 -14.81 14.58
CB SEP A 142 -5.15 -15.13 15.30
OG SEP A 142 -6.23 -14.56 14.58
C SEP A 142 -3.98 -15.14 13.11
O SEP A 142 -4.18 -14.23 12.27
P SEP A 142 -7.61 -14.47 15.41
O1P SEP A 142 -8.66 -13.72 14.45
O2P SEP A 142 -7.32 -13.56 16.71
O3P SEP A 142 -8.08 -15.94 15.75
H SEP A 142 -4.18 -12.95 15.12
HA SEP A 142 -3.12 -15.33 14.97
HB2 SEP A 142 -5.12 -14.75 16.19
HB3 SEP A 142 -5.26 -16.09 15.35
N GLU A 143 -3.91 -16.43 12.78
CA GLU A 143 -3.92 -16.79 11.36
C GLU A 143 -5.24 -16.40 10.70
N PRO A 144 -6.41 -16.61 11.34
CA PRO A 144 -7.66 -16.14 10.70
C PRO A 144 -7.66 -14.64 10.44
N HIS A 145 -7.10 -13.87 11.37
CA HIS A 145 -7.01 -12.43 11.25
C HIS A 145 -6.09 -12.06 10.10
N ALA A 146 -4.92 -12.67 10.04
CA ALA A 146 -3.99 -12.40 8.94
C ALA A 146 -4.60 -12.84 7.61
N ARG A 147 -5.32 -13.96 7.62
CA ARG A 147 -5.90 -14.49 6.37
C ARG A 147 -6.94 -13.54 5.79
N PHE A 148 -7.75 -12.96 6.67
CA PHE A 148 -8.77 -12.01 6.26
C PHE A 148 -8.16 -10.83 5.51
N TYR A 149 -7.05 -10.27 6.04
CA TYR A 149 -6.37 -9.18 5.34
C TYR A 149 -5.69 -9.67 4.06
N ALA A 150 -5.02 -10.81 4.14
CA ALA A 150 -4.33 -11.36 2.98
C ALA A 150 -5.27 -11.57 1.80
N ALA A 151 -6.49 -12.05 2.07
CA ALA A 151 -7.43 -12.32 0.99
C ALA A 151 -7.76 -11.03 0.23
N GLN A 152 -7.86 -9.92 0.96
CA GLN A 152 -8.14 -8.64 0.34
C GLN A 152 -6.97 -8.20 -0.55
N ILE A 153 -5.74 -8.45 -0.11
CA ILE A 153 -4.59 -8.15 -0.96
C ILE A 153 -4.59 -9.02 -2.20
N VAL A 154 -4.89 -10.32 -2.03
CA VAL A 154 -4.91 -11.22 -3.19
C VAL A 154 -5.87 -10.68 -4.25
N LEU A 155 -7.08 -10.28 -3.82
CA LEU A 155 -8.06 -9.78 -4.78
C LEU A 155 -7.60 -8.46 -5.38
N THR A 156 -6.99 -7.60 -4.57
CA THR A 156 -6.50 -6.32 -5.08
C THR A 156 -5.44 -6.54 -6.13
N PHE A 157 -4.55 -7.50 -5.90
CA PHE A 157 -3.51 -7.76 -6.91
C PHE A 157 -4.10 -8.41 -8.16
N GLU A 158 -5.07 -9.30 -8.00
CA GLU A 158 -5.76 -9.81 -9.19
C GLU A 158 -6.28 -8.65 -10.04
N TYR A 159 -6.91 -7.65 -9.40
CA TYR A 159 -7.41 -6.48 -10.11
C TYR A 159 -6.25 -5.71 -10.74
N LEU A 160 -5.24 -5.33 -9.93
CA LEU A 160 -4.16 -4.48 -10.44
C LEU A 160 -3.40 -5.16 -11.57
N HIS A 161 -3.09 -6.46 -11.39
CA HIS A 161 -2.37 -7.21 -12.40
C HIS A 161 -3.19 -7.34 -13.69
N SER A 162 -4.51 -7.41 -13.59
CA SER A 162 -5.32 -7.46 -14.81
C SER A 162 -5.19 -6.17 -15.62
N LEU A 163 -4.87 -5.06 -14.95
CA LEU A 163 -4.58 -3.79 -15.62
C LEU A 163 -3.13 -3.70 -16.09
N ASP A 164 -2.39 -4.79 -15.95
CA ASP A 164 -0.95 -4.85 -16.19
C ASP A 164 -0.16 -3.95 -15.26
N LEU A 165 -0.67 -3.63 -14.08
CA LEU A 165 0.03 -2.81 -13.10
C LEU A 165 0.75 -3.69 -12.09
N ILE A 166 2.04 -3.42 -11.87
CA ILE A 166 2.74 -3.98 -10.72
C ILE A 166 2.60 -2.99 -9.58
N TYR A 167 2.23 -3.47 -8.40
CA TYR A 167 1.98 -2.56 -7.28
C TYR A 167 3.29 -2.10 -6.60
N ARG A 168 4.15 -3.04 -6.19
CA ARG A 168 5.54 -2.78 -5.74
C ARG A 168 5.70 -1.97 -4.48
N ASP A 169 4.64 -1.78 -3.69
CA ASP A 169 4.75 -0.91 -2.52
C ASP A 169 3.98 -1.53 -1.34
N LEU A 170 3.81 -2.85 -1.33
CA LEU A 170 3.09 -3.51 -0.24
C LEU A 170 3.91 -3.50 1.04
N LYS A 171 3.25 -3.12 2.16
CA LYS A 171 3.76 -3.19 3.52
C LYS A 171 2.68 -2.66 4.44
N PRO A 172 2.74 -3.00 5.73
CA PRO A 172 1.66 -2.58 6.64
C PRO A 172 1.49 -1.07 6.72
N GLU A 173 2.57 -0.33 6.47
CA GLU A 173 2.55 1.13 6.47
C GLU A 173 1.62 1.70 5.41
N ASN A 174 1.38 0.98 4.32
CA ASN A 174 0.56 1.50 3.23
C ASN A 174 -0.80 0.85 3.20
N LEU A 175 -1.27 0.36 4.34
CA LEU A 175 -2.55 -0.33 4.42
C LEU A 175 -3.32 0.26 5.61
N LEU A 176 -4.50 0.81 5.34
CA LEU A 176 -5.35 1.39 6.39
C LEU A 176 -6.44 0.39 6.73
N ILE A 177 -6.92 0.48 7.96
N ILE A 177 -6.94 0.47 7.96
CA ILE A 177 -8.05 -0.33 8.42
CA ILE A 177 -8.04 -0.36 8.39
C ILE A 177 -9.24 0.60 8.58
C ILE A 177 -9.25 0.55 8.61
N ASP A 178 -10.28 0.36 7.78
CA ASP A 178 -11.45 1.26 7.79
C ASP A 178 -12.41 0.83 8.89
N GLN A 179 -13.53 1.56 8.99
CA GLN A 179 -14.47 1.41 10.11
C GLN A 179 -15.25 0.11 10.02
N GLN A 180 -15.23 -0.57 8.89
CA GLN A 180 -15.76 -1.91 8.79
C GLN A 180 -14.68 -2.97 9.02
N GLY A 181 -13.45 -2.58 9.33
CA GLY A 181 -12.38 -3.53 9.52
C GLY A 181 -11.73 -4.01 8.25
N TYR A 182 -12.06 -3.42 7.11
CA TYR A 182 -11.44 -3.82 5.86
C TYR A 182 -10.26 -2.91 5.48
N ILE A 183 -9.46 -3.41 4.54
CA ILE A 183 -8.22 -2.76 4.09
C ILE A 183 -8.50 -1.65 3.08
N GLN A 184 -7.69 -0.60 3.15
CA GLN A 184 -7.56 0.39 2.07
C GLN A 184 -6.08 0.58 1.76
N VAL A 185 -5.71 0.25 0.53
CA VAL A 185 -4.34 0.40 0.03
C VAL A 185 -4.15 1.86 -0.34
N THR A 186 -3.05 2.48 0.15
CA THR A 186 -2.94 3.94 0.08
C THR A 186 -2.09 4.48 -1.07
N ASP A 187 -0.97 3.85 -1.38
CA ASP A 187 0.09 4.46 -2.17
C ASP A 187 0.26 3.85 -3.56
N PHE A 188 0.40 4.72 -4.57
CA PHE A 188 0.47 4.25 -5.96
C PHE A 188 1.55 4.93 -6.79
N GLY A 189 2.44 5.70 -6.18
CA GLY A 189 3.50 6.32 -6.95
C GLY A 189 4.35 5.31 -7.71
N PHE A 190 4.56 4.13 -7.12
CA PHE A 190 5.45 3.13 -7.74
C PHE A 190 4.73 2.21 -8.71
N ALA A 191 3.40 2.25 -8.76
CA ALA A 191 2.64 1.37 -9.63
C ALA A 191 2.98 1.61 -11.10
N LYS A 192 3.40 0.58 -11.80
CA LYS A 192 3.90 0.72 -13.16
C LYS A 192 3.23 -0.29 -14.07
N ARG A 193 2.91 0.14 -15.30
CA ARG A 193 2.40 -0.80 -16.30
C ARG A 193 3.55 -1.64 -16.85
N VAL A 194 3.48 -2.94 -16.63
CA VAL A 194 4.54 -3.84 -17.04
C VAL A 194 3.90 -5.12 -17.55
N LYS A 195 3.86 -5.33 -18.87
CA LYS A 195 3.43 -6.64 -19.33
C LYS A 195 4.59 -7.57 -19.59
N GLY A 196 5.83 -7.06 -19.61
CA GLY A 196 7.01 -7.89 -19.74
C GLY A 196 7.88 -7.83 -18.49
N ARG A 197 8.97 -7.07 -18.55
CA ARG A 197 9.90 -6.88 -17.45
C ARG A 197 10.05 -5.40 -17.13
N THR A 198 10.53 -5.13 -15.93
CA THR A 198 10.99 -3.81 -15.53
C THR A 198 12.20 -4.00 -14.62
N TRP A 199 12.93 -2.92 -14.35
CA TRP A 199 14.25 -3.03 -13.71
C TRP A 199 14.58 -2.08 -12.54
N TPO A 200 13.69 -1.17 -12.14
CA TPO A 200 14.04 -0.19 -11.09
CB TPO A 200 13.01 0.86 -11.00
CG2 TPO A 200 13.57 1.99 -10.15
OG1 TPO A 200 12.81 1.42 -12.29
P TPO A 200 11.31 1.24 -12.89
O1P TPO A 200 10.32 2.09 -12.13
O2P TPO A 200 11.38 1.67 -14.40
O3P TPO A 200 10.93 -0.31 -12.76
C TPO A 200 14.20 -0.87 -9.75
O TPO A 200 13.39 -1.72 -9.41
H TPO A 200 12.89 -1.09 -12.45
HA TPO A 200 14.90 0.23 -11.32
HB TPO A 200 12.08 0.48 -10.59
HG21 TPO A 200 12.82 2.78 -10.06
HG22 TPO A 200 14.47 2.39 -10.61
HG23 TPO A 200 13.80 1.61 -9.15
N LEU A 201 15.25 -0.51 -9.01
CA LEU A 201 15.36 -0.91 -7.61
C LEU A 201 14.40 0.02 -6.86
N CYS A 202 13.24 -0.54 -6.54
CA CYS A 202 12.06 0.21 -6.17
C CYS A 202 11.32 -0.57 -5.08
N GLY A 203 10.98 0.08 -3.96
CA GLY A 203 10.25 -0.60 -2.91
C GLY A 203 10.90 -0.38 -1.54
N THR A 204 10.53 -1.23 -0.58
CA THR A 204 11.00 -1.12 0.79
C THR A 204 11.82 -2.37 1.10
N PRO A 205 13.04 -2.22 1.62
CA PRO A 205 13.99 -3.37 1.65
C PRO A 205 13.40 -4.70 2.12
N GLU A 206 12.76 -4.73 3.29
CA GLU A 206 12.26 -5.99 3.83
C GLU A 206 11.30 -6.68 2.87
N TYR A 207 10.67 -5.94 1.95
CA TYR A 207 9.60 -6.48 1.11
C TYR A 207 10.04 -6.77 -0.31
N LEU A 208 11.31 -6.56 -0.63
CA LEU A 208 11.81 -6.73 -2.00
C LEU A 208 12.03 -8.21 -2.32
N ALA A 209 11.51 -8.63 -3.48
CA ALA A 209 11.83 -9.94 -4.03
C ALA A 209 13.30 -10.00 -4.44
N PRO A 210 13.89 -11.20 -4.44
CA PRO A 210 15.29 -11.31 -4.82
C PRO A 210 15.56 -10.71 -6.19
N GLU A 211 14.66 -10.91 -7.16
CA GLU A 211 14.91 -10.40 -8.51
C GLU A 211 14.79 -8.88 -8.62
N ILE A 212 14.27 -8.20 -7.62
CA ILE A 212 14.37 -6.74 -7.65
C ILE A 212 15.77 -6.32 -7.24
N ILE A 213 16.30 -6.97 -6.21
CA ILE A 213 17.62 -6.61 -5.68
C ILE A 213 18.69 -6.88 -6.74
N LEU A 214 18.64 -8.06 -7.31
CA LEU A 214 19.54 -8.40 -8.42
C LEU A 214 19.20 -7.61 -9.68
N SER A 215 20.21 -7.44 -10.53
CA SER A 215 20.07 -6.57 -11.70
C SER A 215 19.17 -7.14 -12.78
N LYS A 216 18.95 -8.45 -12.82
CA LYS A 216 18.01 -9.01 -13.77
C LYS A 216 16.64 -8.34 -13.65
N GLY A 217 15.85 -8.47 -14.70
CA GLY A 217 14.53 -7.86 -14.72
C GLY A 217 13.54 -8.63 -13.88
N TYR A 218 12.41 -7.98 -13.63
CA TYR A 218 11.35 -8.59 -12.87
C TYR A 218 9.98 -8.18 -13.39
N ASN A 219 8.97 -8.87 -12.87
CA ASN A 219 7.60 -8.71 -13.35
C ASN A 219 6.67 -8.80 -12.16
N LYS A 220 5.39 -9.02 -12.47
CA LYS A 220 4.34 -8.90 -11.45
C LYS A 220 4.50 -9.92 -10.34
N ALA A 221 5.31 -10.95 -10.54
CA ALA A 221 5.52 -11.93 -9.50
C ALA A 221 6.14 -11.33 -8.24
N VAL A 222 6.78 -10.15 -8.32
CA VAL A 222 7.34 -9.56 -7.11
C VAL A 222 6.25 -9.20 -6.12
N ASP A 223 5.04 -8.91 -6.62
CA ASP A 223 3.92 -8.60 -5.74
C ASP A 223 3.51 -9.83 -4.93
N TRP A 224 3.62 -11.04 -5.53
CA TRP A 224 3.25 -12.25 -4.78
C TRP A 224 4.31 -12.58 -3.74
N TRP A 225 5.59 -12.33 -4.05
CA TRP A 225 6.63 -12.41 -3.03
C TRP A 225 6.31 -11.49 -1.87
N ALA A 226 5.96 -10.25 -2.19
CA ALA A 226 5.68 -9.26 -1.14
C ALA A 226 4.48 -9.67 -0.30
N LEU A 227 3.46 -10.28 -0.92
CA LEU A 227 2.35 -10.85 -0.17
C LEU A 227 2.85 -11.89 0.83
N GLY A 228 3.78 -12.73 0.41
CA GLY A 228 4.39 -13.67 1.34
C GLY A 228 5.04 -12.98 2.53
N VAL A 229 5.82 -11.92 2.27
CA VAL A 229 6.44 -11.15 3.35
C VAL A 229 5.39 -10.58 4.30
N LEU A 230 4.34 -9.99 3.72
CA LEU A 230 3.25 -9.40 4.52
C LEU A 230 2.59 -10.45 5.38
N ILE A 231 2.25 -11.60 4.81
CA ILE A 231 1.57 -12.64 5.59
C ILE A 231 2.48 -13.09 6.72
N TYR A 232 3.76 -13.31 6.41
CA TYR A 232 4.70 -13.67 7.46
C TYR A 232 4.74 -12.62 8.55
N GLU A 233 4.89 -11.34 8.17
CA GLU A 233 5.00 -10.30 9.20
C GLU A 233 3.72 -10.19 10.02
N MET A 234 2.56 -10.27 9.35
CA MET A 234 1.28 -10.23 10.07
C MET A 234 1.18 -11.38 11.08
N ALA A 235 1.62 -12.58 10.68
CA ALA A 235 1.44 -13.78 11.50
C ALA A 235 2.52 -13.92 12.59
N ALA A 236 3.72 -13.43 12.34
CA ALA A 236 4.82 -13.57 13.28
C ALA A 236 5.01 -12.35 14.15
N GLY A 237 4.68 -11.16 13.65
CA GLY A 237 5.00 -9.92 14.29
C GLY A 237 6.25 -9.24 13.77
N TYR A 238 7.00 -9.88 12.87
CA TYR A 238 8.22 -9.36 12.33
C TYR A 238 8.41 -10.02 10.97
N PRO A 239 9.10 -9.34 10.04
CA PRO A 239 9.26 -9.87 8.68
C PRO A 239 10.28 -10.99 8.63
N PRO A 240 10.29 -11.77 7.55
CA PRO A 240 11.15 -12.95 7.53
C PRO A 240 12.62 -12.64 7.37
N PHE A 241 12.97 -11.53 6.74
CA PHE A 241 14.35 -11.14 6.51
C PHE A 241 14.56 -9.77 7.11
N PHE A 242 15.42 -9.67 8.11
CA PHE A 242 15.63 -8.42 8.79
C PHE A 242 17.09 -8.27 9.18
N ALA A 243 17.52 -7.01 9.27
CA ALA A 243 18.87 -6.60 9.67
C ALA A 243 18.87 -5.09 9.86
N ASP A 244 20.01 -4.55 10.28
CA ASP A 244 20.07 -3.15 10.68
C ASP A 244 20.04 -2.20 9.48
N GLN A 245 20.70 -2.57 8.38
CA GLN A 245 20.85 -1.72 7.22
C GLN A 245 20.34 -2.40 5.95
N PRO A 246 19.87 -1.64 4.98
CA PRO A 246 19.34 -2.28 3.76
C PRO A 246 20.27 -3.27 3.09
N ILE A 247 21.57 -2.96 2.93
CA ILE A 247 22.46 -3.92 2.25
C ILE A 247 22.39 -5.27 2.93
N GLN A 248 22.32 -5.29 4.27
CA GLN A 248 22.33 -6.57 4.97
C GLN A 248 20.99 -7.27 4.85
N ILE A 249 19.89 -6.51 4.78
CA ILE A 249 18.59 -7.11 4.49
C ILE A 249 18.63 -7.77 3.11
N TYR A 250 19.20 -7.09 2.12
CA TYR A 250 19.26 -7.66 0.77
C TYR A 250 19.98 -9.01 0.77
N GLU A 251 21.07 -9.13 1.53
CA GLU A 251 21.85 -10.37 1.52
C GLU A 251 21.02 -11.54 2.04
N LYS A 252 20.22 -11.32 3.09
CA LYS A 252 19.38 -12.38 3.63
C LYS A 252 18.30 -12.76 2.64
N ILE A 253 17.69 -11.76 2.01
CA ILE A 253 16.67 -12.03 1.02
C ILE A 253 17.21 -12.94 -0.09
N VAL A 254 18.37 -12.59 -0.63
CA VAL A 254 18.88 -13.31 -1.78
C VAL A 254 19.39 -14.70 -1.34
N GLY A 256 17.30 -16.74 0.51
CA GLY A 256 15.95 -17.21 0.70
C GLY A 256 15.79 -18.10 1.92
N LYS A 257 16.83 -18.15 2.76
CA LYS A 257 16.79 -18.99 3.95
C LYS A 257 15.82 -18.37 4.94
N VAL A 258 14.63 -18.95 5.04
CA VAL A 258 13.58 -18.47 5.93
C VAL A 258 13.39 -19.48 7.04
N ARG A 259 13.17 -18.99 8.25
CA ARG A 259 12.80 -19.80 9.40
C ARG A 259 11.43 -19.37 9.86
N PHE A 260 10.60 -20.33 10.20
CA PHE A 260 9.23 -20.03 10.56
C PHE A 260 9.02 -20.18 12.08
N PRO A 261 8.29 -19.29 12.73
CA PRO A 261 7.98 -19.52 14.15
C PRO A 261 7.27 -20.86 14.34
N SER A 262 7.53 -21.50 15.50
CA SER A 262 6.91 -22.80 15.74
C SER A 262 5.38 -22.74 15.76
N HIS A 263 4.77 -21.57 16.00
CA HIS A 263 3.32 -21.48 16.04
C HIS A 263 2.69 -21.35 14.66
N PHE A 264 3.48 -21.17 13.60
CA PHE A 264 2.91 -21.19 12.26
C PHE A 264 2.30 -22.56 11.97
N SER A 265 1.09 -22.56 11.41
CA SER A 265 0.47 -23.81 11.03
C SER A 265 1.19 -24.45 9.83
N SER A 266 0.97 -25.76 9.69
N SER A 266 0.97 -25.76 9.69
CA SER A 266 1.49 -26.48 8.52
CA SER A 266 1.49 -26.48 8.53
C SER A 266 1.04 -25.83 7.22
C SER A 266 1.04 -25.83 7.22
N ASP A 267 -0.24 -25.49 7.12
CA ASP A 267 -0.74 -24.89 5.89
C ASP A 267 -0.10 -23.52 5.66
N LEU A 268 0.08 -22.73 6.72
CA LEU A 268 0.71 -21.43 6.54
C LEU A 268 2.15 -21.57 6.03
N LYS A 269 2.92 -22.47 6.61
CA LYS A 269 4.29 -22.68 6.15
C LYS A 269 4.33 -23.13 4.70
N ASP A 270 3.42 -24.03 4.30
CA ASP A 270 3.43 -24.46 2.92
C ASP A 270 3.12 -23.30 1.99
N LEU A 271 2.11 -22.47 2.31
CA LEU A 271 1.81 -21.32 1.47
C LEU A 271 3.04 -20.44 1.34
N LEU A 272 3.69 -20.15 2.45
CA LEU A 272 4.80 -19.19 2.44
C LEU A 272 6.00 -19.73 1.69
N ARG A 273 6.24 -21.04 1.74
CA ARG A 273 7.32 -21.61 0.94
C ARG A 273 7.09 -21.35 -0.54
N ASN A 274 5.83 -21.30 -0.96
CA ASN A 274 5.49 -21.13 -2.37
C ASN A 274 5.36 -19.67 -2.77
N LEU A 275 5.08 -18.78 -1.82
CA LEU A 275 5.12 -17.35 -2.11
C LEU A 275 6.54 -16.78 -1.98
N LEU A 276 7.26 -17.16 -0.94
CA LEU A 276 8.66 -16.75 -0.75
C LEU A 276 9.60 -17.70 -1.48
N GLN A 277 9.22 -17.98 -2.71
CA GLN A 277 9.94 -18.88 -3.58
C GLN A 277 10.91 -18.06 -4.43
N VAL A 278 12.21 -18.29 -4.25
CA VAL A 278 13.21 -17.49 -4.96
C VAL A 278 13.09 -17.69 -6.46
N ASP A 279 12.74 -18.90 -6.88
CA ASP A 279 12.66 -19.21 -8.31
C ASP A 279 11.33 -18.70 -8.82
N LEU A 280 11.35 -17.54 -9.49
CA LEU A 280 10.08 -16.88 -9.80
C LEU A 280 9.25 -17.71 -10.77
N THR A 281 9.86 -18.66 -11.48
CA THR A 281 9.10 -19.56 -12.33
C THR A 281 8.39 -20.66 -11.55
N LYS A 282 8.66 -20.78 -10.24
CA LYS A 282 7.97 -21.74 -9.38
C LYS A 282 7.08 -21.04 -8.36
N ARG A 283 7.07 -19.71 -8.35
CA ARG A 283 6.36 -18.95 -7.32
C ARG A 283 4.85 -18.91 -7.55
N PHE A 284 4.07 -19.18 -6.50
CA PHE A 284 2.63 -19.08 -6.60
C PHE A 284 2.21 -17.67 -7.00
N GLY A 285 1.19 -17.59 -7.83
CA GLY A 285 0.74 -16.36 -8.41
C GLY A 285 1.31 -16.18 -9.80
N ASN A 286 2.41 -16.85 -10.10
CA ASN A 286 3.13 -16.72 -11.36
C ASN A 286 3.14 -18.01 -12.17
N LEU A 287 2.29 -18.97 -11.82
CA LEU A 287 2.22 -20.22 -12.55
C LEU A 287 1.08 -20.14 -13.56
N LYS A 288 0.92 -21.22 -14.31
CA LYS A 288 -0.08 -21.22 -15.37
C LYS A 288 -1.45 -20.81 -14.85
N ASN A 289 -1.79 -21.26 -13.63
CA ASN A 289 -3.11 -20.97 -13.07
C ASN A 289 -3.16 -19.65 -12.32
N GLY A 290 -2.05 -18.90 -12.29
CA GLY A 290 -2.09 -17.54 -11.77
C GLY A 290 -2.62 -17.51 -10.37
N VAL A 291 -3.53 -16.57 -10.10
CA VAL A 291 -3.95 -16.31 -8.73
C VAL A 291 -4.67 -17.51 -8.13
N ASN A 292 -5.21 -18.39 -8.97
CA ASN A 292 -5.99 -19.51 -8.44
C ASN A 292 -5.16 -20.50 -7.65
N ASP A 293 -3.85 -20.59 -7.87
CA ASP A 293 -3.06 -21.46 -7.00
C ASP A 293 -3.05 -20.93 -5.58
N ILE A 294 -3.16 -19.62 -5.43
CA ILE A 294 -3.25 -19.01 -4.10
C ILE A 294 -4.64 -19.19 -3.54
N LYS A 295 -5.67 -18.84 -4.31
CA LYS A 295 -7.04 -18.93 -3.80
C LYS A 295 -7.40 -20.35 -3.40
N ASN A 296 -6.83 -21.36 -4.07
CA ASN A 296 -7.18 -22.75 -3.82
C ASN A 296 -6.23 -23.41 -2.83
N HIS A 297 -5.23 -22.69 -2.32
CA HIS A 297 -4.34 -23.28 -1.34
C HIS A 297 -5.08 -23.61 -0.04
N LYS A 298 -4.62 -24.67 0.64
CA LYS A 298 -5.33 -25.12 1.84
C LYS A 298 -5.44 -24.02 2.90
N TRP A 299 -4.45 -23.13 3.00
CA TRP A 299 -4.52 -22.09 4.03
C TRP A 299 -5.72 -21.18 3.82
N PHE A 300 -6.20 -21.06 2.59
CA PHE A 300 -7.32 -20.21 2.27
C PHE A 300 -8.63 -21.01 2.15
N ALA A 301 -8.64 -22.26 2.63
CA ALA A 301 -9.81 -23.11 2.44
C ALA A 301 -11.06 -22.48 3.05
N THR A 302 -10.94 -21.78 4.16
CA THR A 302 -12.12 -21.19 4.80
C THR A 302 -12.47 -19.83 4.23
N THR A 303 -11.77 -19.37 3.21
CA THR A 303 -12.00 -18.03 2.68
C THR A 303 -13.09 -18.06 1.62
N ASP A 304 -14.12 -17.25 1.86
CA ASP A 304 -15.22 -17.07 0.91
C ASP A 304 -14.86 -15.86 0.07
N TRP A 305 -14.25 -16.11 -1.10
CA TRP A 305 -13.61 -15.05 -1.87
C TRP A 305 -14.63 -14.02 -2.30
N ILE A 306 -15.78 -14.47 -2.77
CA ILE A 306 -16.82 -13.53 -3.19
C ILE A 306 -17.29 -12.71 -2.00
N ALA A 307 -17.51 -13.35 -0.84
CA ALA A 307 -17.98 -12.61 0.33
C ALA A 307 -16.96 -11.57 0.77
N ILE A 308 -15.67 -11.90 0.73
CA ILE A 308 -14.64 -10.90 1.02
C ILE A 308 -14.77 -9.72 0.04
N TYR A 309 -14.83 -10.01 -1.26
CA TYR A 309 -14.91 -8.94 -2.25
C TYR A 309 -16.11 -8.02 -1.99
N GLN A 310 -17.25 -8.62 -1.62
CA GLN A 310 -18.51 -7.92 -1.33
C GLN A 310 -18.55 -7.32 0.08
N ARG A 311 -17.49 -7.52 0.86
CA ARG A 311 -17.37 -7.02 2.23
C ARG A 311 -18.52 -7.52 3.12
N LYS A 312 -18.92 -8.77 2.90
CA LYS A 312 -19.98 -9.41 3.67
C LYS A 312 -19.45 -10.32 4.77
N VAL A 313 -18.12 -10.45 4.89
CA VAL A 313 -17.50 -11.20 5.98
C VAL A 313 -17.32 -10.30 7.21
N GLU A 314 -17.67 -10.86 8.37
CA GLU A 314 -17.47 -10.13 9.63
C GLU A 314 -15.99 -9.96 9.88
N ALA A 315 -15.56 -8.71 10.05
CA ALA A 315 -14.15 -8.47 10.24
C ALA A 315 -13.70 -8.97 11.62
N PRO A 316 -12.44 -9.38 11.73
CA PRO A 316 -11.94 -9.88 13.02
C PRO A 316 -11.63 -8.78 14.00
N PHE A 317 -11.47 -7.55 13.51
CA PHE A 317 -11.05 -6.42 14.30
C PHE A 317 -11.68 -5.16 13.72
N ILE A 318 -12.35 -4.39 14.55
CA ILE A 318 -12.89 -3.10 14.16
C ILE A 318 -12.18 -2.02 14.99
N PRO A 319 -11.49 -1.07 14.39
CA PRO A 319 -10.87 -0.01 15.19
C PRO A 319 -11.93 0.70 16.02
N LYS A 320 -11.63 0.92 17.29
CA LYS A 320 -12.56 1.65 18.14
C LYS A 320 -12.84 3.00 17.51
N PHE A 321 -14.12 3.32 17.32
CA PHE A 321 -14.50 4.63 16.81
C PHE A 321 -14.73 5.56 18.00
N LYS A 322 -13.86 6.57 18.12
CA LYS A 322 -13.88 7.47 19.26
C LYS A 322 -14.70 8.72 19.01
N GLY A 323 -15.40 8.80 17.89
CA GLY A 323 -16.19 9.97 17.54
C GLY A 323 -15.70 10.60 16.25
N GLY A 325 -13.55 12.48 13.80
CA GLY A 325 -12.33 13.25 13.60
C GLY A 325 -11.28 12.91 14.62
N ASP A 326 -11.42 11.77 15.30
CA ASP A 326 -10.46 11.37 16.32
C ASP A 326 -9.16 10.99 15.65
N THR A 327 -8.03 11.35 16.27
CA THR A 327 -6.72 11.04 15.68
C THR A 327 -5.89 10.14 16.57
N SER A 328 -6.54 9.35 17.45
CA SER A 328 -5.83 8.54 18.44
C SER A 328 -4.92 7.52 17.78
N ASN A 329 -5.20 7.14 16.54
CA ASN A 329 -4.41 6.13 15.84
C ASN A 329 -3.26 6.73 15.05
N PHE A 330 -3.04 8.02 15.19
CA PHE A 330 -1.93 8.70 14.53
C PHE A 330 -1.06 9.38 15.58
N ASP A 331 0.22 9.51 15.25
CA ASP A 331 1.16 10.20 16.10
C ASP A 331 0.95 11.70 16.00
N ASP A 332 1.59 12.43 16.90
CA ASP A 332 1.50 13.87 16.98
C ASP A 332 2.73 14.51 16.34
N TYR A 333 2.51 15.58 15.59
CA TYR A 333 3.54 16.28 14.84
C TYR A 333 3.49 17.76 15.15
N GLU A 334 4.66 18.41 15.08
CA GLU A 334 4.69 19.86 15.20
C GLU A 334 3.82 20.43 14.09
N GLU A 335 2.89 21.31 14.44
CA GLU A 335 2.02 21.92 13.44
C GLU A 335 2.73 23.10 12.80
N GLU A 336 3.04 22.99 11.52
CA GLU A 336 3.78 24.01 10.78
C GLU A 336 2.89 24.69 9.76
N GLU A 337 3.26 25.91 9.37
CA GLU A 337 2.47 26.67 8.40
C GLU A 337 2.28 25.89 7.11
N ILE A 338 1.18 26.18 6.42
CA ILE A 338 1.02 25.78 5.02
C ILE A 338 1.14 27.07 4.23
N ARG A 339 2.30 27.27 3.66
CA ARG A 339 2.61 28.54 3.03
C ARG A 339 2.49 28.38 1.52
N VAL A 340 1.78 29.32 0.90
CA VAL A 340 1.59 29.30 -0.53
C VAL A 340 2.32 30.52 -1.03
N SEP A 341 3.38 30.29 -1.79
CA SEP A 341 4.21 31.36 -2.31
CB SEP A 341 5.37 30.73 -3.09
OG SEP A 341 6.13 31.70 -3.77
C SEP A 341 3.41 32.29 -3.23
O SEP A 341 2.40 31.92 -3.81
P SEP A 341 7.22 32.46 -2.82
O1P SEP A 341 6.49 33.67 -2.08
O2P SEP A 341 7.86 31.44 -1.74
O3P SEP A 341 8.33 32.96 -3.86
H SEP A 341 3.64 29.51 -2.02
HA SEP A 341 4.58 31.88 -1.57
HB2 SEP A 341 5.01 30.11 -3.74
HB3 SEP A 341 5.95 30.26 -2.46
N ILE A 342 3.93 33.52 -3.37
CA ILE A 342 3.40 34.54 -4.30
C ILE A 342 3.82 34.21 -5.72
N ASN A 343 4.85 33.39 -5.85
CA ASN A 343 5.40 32.99 -7.14
C ASN A 343 5.06 31.54 -7.46
N GLU A 344 4.68 31.28 -8.71
CA GLU A 344 4.43 29.91 -9.14
C GLU A 344 5.75 29.14 -9.20
N LYS A 345 5.78 27.98 -8.56
CA LYS A 345 6.96 27.13 -8.51
C LYS A 345 6.78 25.91 -9.42
N CYS A 346 7.77 25.65 -10.26
CA CYS A 346 7.81 24.38 -11.01
C CYS A 346 6.54 24.15 -11.81
N GLY A 347 6.00 25.22 -12.40
CA GLY A 347 4.76 25.07 -13.17
C GLY A 347 4.87 24.07 -14.29
N LYS A 348 5.93 24.19 -15.10
CA LYS A 348 6.06 23.35 -16.29
C LYS A 348 6.10 21.89 -15.90
N GLU A 349 6.83 21.56 -14.83
CA GLU A 349 7.02 20.17 -14.44
C GLU A 349 5.71 19.50 -14.06
N PHE A 350 4.76 20.24 -13.49
CA PHE A 350 3.54 19.65 -12.96
C PHE A 350 2.31 20.08 -13.74
N THR A 351 2.52 20.49 -15.00
CA THR A 351 1.43 20.95 -15.85
C THR A 351 0.25 19.98 -15.88
N GLU A 352 0.50 18.67 -15.94
CA GLU A 352 -0.58 17.70 -16.08
C GLU A 352 -1.32 17.41 -14.78
N PHE A 353 -0.81 17.86 -13.64
CA PHE A 353 -1.43 17.51 -12.41
C PHE A 353 -2.78 18.22 -12.29
N THR B 1 15.64 -14.88 21.53
CA THR B 1 14.67 -15.37 20.56
C THR B 1 14.79 -14.63 19.23
N THR B 2 14.13 -15.15 18.19
CA THR B 2 14.12 -14.42 16.93
C THR B 2 13.50 -13.02 17.09
N TYR B 3 12.40 -12.92 17.83
CA TYR B 3 11.82 -11.61 18.10
C TYR B 3 12.82 -10.70 18.80
N ALA B 4 13.53 -11.22 19.81
CA ALA B 4 14.54 -10.42 20.49
C ALA B 4 15.59 -9.91 19.51
N ASP B 5 16.01 -10.76 18.58
CA ASP B 5 17.00 -10.34 17.57
C ASP B 5 16.43 -9.28 16.63
N PHE B 6 15.14 -9.40 16.28
CA PHE B 6 14.47 -8.37 15.49
C PHE B 6 14.50 -7.03 16.21
N ILE B 7 14.16 -7.01 17.49
CA ILE B 7 14.24 -5.77 18.24
C ILE B 7 15.68 -5.25 18.29
N ALA B 8 16.65 -6.15 18.46
CA ALA B 8 18.04 -5.72 18.63
C ALA B 8 18.64 -5.23 17.32
N SER B 9 18.30 -5.87 16.20
CA SER B 9 19.02 -5.68 14.95
C SER B 9 18.11 -5.27 13.81
N GLY B 10 16.81 -5.56 13.91
CA GLY B 10 15.84 -5.22 12.90
C GLY B 10 15.41 -3.78 12.95
N ARG B 11 14.66 -3.40 11.94
CA ARG B 11 14.08 -2.07 11.90
C ARG B 11 12.65 -2.22 12.39
N THR B 12 12.36 -1.66 13.58
CA THR B 12 11.09 -1.89 14.22
C THR B 12 10.05 -0.80 13.92
N GLY B 13 10.49 0.37 13.45
CA GLY B 13 9.59 1.47 13.14
C GLY B 13 9.18 1.48 11.69
N ARG B 14 8.47 2.54 11.31
CA ARG B 14 7.97 2.64 9.95
C ARG B 14 9.16 2.72 9.00
N ARG B 15 9.05 2.04 7.87
CA ARG B 15 10.15 1.82 6.95
C ARG B 15 9.97 2.62 5.68
N ASN B 16 10.99 3.39 5.34
CA ASN B 16 10.96 4.18 4.11
C ASN B 16 11.25 3.32 2.91
N ALA B 17 10.70 3.75 1.78
CA ALA B 17 11.08 3.19 0.50
C ALA B 17 12.50 3.62 0.15
N ILE B 18 13.12 2.80 -0.71
CA ILE B 18 14.25 3.10 -1.59
C ILE B 18 15.05 1.81 -1.60
C1 9LQ C . -3.08 7.89 3.25
C2 9LQ C . -4.18 7.90 2.40
C3 9LQ C . -5.44 8.09 2.90
C4 9LQ C . -5.65 8.30 4.29
C5 9LQ C . -4.53 8.32 5.16
C6 9LQ C . -4.78 8.47 6.55
C 9LQ C . -3.24 8.10 4.59
N 9LQ C . -7.13 8.59 6.17
O 9LQ C . -1.99 6.96 6.55
O2 9LQ C . 4.86 7.72 1.58
O3 9LQ C . -1.55 9.35 6.11
S 9LQ C . -1.81 8.03 5.62
C7 9LQ C . -6.07 8.59 6.98
C8 9LQ C . -6.93 8.44 4.87
N1 9LQ C . -0.54 7.62 4.68
C20 9LQ C . -0.02 8.64 3.76
C19 9LQ C . 1.34 9.10 4.11
N2 9LQ C . 2.45 8.16 3.86
C11 9LQ C . 2.23 6.87 4.51
C10 9LQ C . 1.16 6.00 3.86
C9 9LQ C . -0.23 6.20 4.45
C12 9LQ C . 3.80 8.66 4.17
C13 9LQ C . 4.04 9.99 3.52
C18 9LQ C . 4.18 10.12 2.12
B 9LQ C . 4.42 8.93 1.11
O1 9LQ C . 4.27 9.09 -0.24
C17 9LQ C . 4.22 11.41 1.59
C16 9LQ C . 4.16 12.54 2.40
C15 9LQ C . 4.06 12.39 3.76
C14 9LQ C . 4.01 11.14 4.32
H 9LQ C . -2.11 7.73 2.80
H1 9LQ C . -4.03 7.74 1.34
H2 9LQ C . -6.30 8.09 2.24
H3 9LQ C . -3.95 8.49 7.25
H19 9LQ C . 4.93 7.14 0.78
H4 9LQ C . -6.30 8.71 8.04
H5 9LQ C . -7.81 8.43 4.25
H22 9LQ C . -0.72 9.48 3.73
H23 9LQ C . 0.03 8.19 2.76
H20 9LQ C . 1.54 10.02 3.57
H21 9LQ C . 1.37 9.33 5.18
H11 9LQ C . 1.96 7.05 5.55
H10 9LQ C . 3.18 6.34 4.49
H8 9LQ C . 1.42 4.95 4.01
H9 9LQ C . 1.13 6.18 2.79
H7 9LQ C . -0.97 5.79 3.77
H6 9LQ C . -0.29 5.68 5.41
H13 9LQ C . 4.55 7.95 3.86
H12 9LQ C . 3.88 8.81 5.25
H18 9LQ C . 4.47 8.20 -0.63
H17 9LQ C . 4.30 11.55 0.51
H16 9LQ C . 4.19 13.53 1.95
H15 9LQ C . 4.03 13.28 4.39
H14 9LQ C . 3.96 11.04 5.40
C4 RIB D . 21.32 -10.22 17.66
O4 RIB D . 21.21 -9.30 14.89
C1 RIB D . 21.78 -8.17 15.48
#